data_6QEI
#
_entry.id   6QEI
#
_cell.length_a   89.808
_cell.length_b   99.784
_cell.length_c   100.819
_cell.angle_alpha   90.00
_cell.angle_beta   90.00
_cell.angle_gamma   90.00
#
_symmetry.space_group_name_H-M   'C 2 2 21'
#
loop_
_entity.id
_entity.type
_entity.pdbx_description
1 polymer 'Methionine aminopeptidase 2'
2 non-polymer 1,2-ETHANEDIOL
3 non-polymer GLYCEROL
4 non-polymer 'DIMETHYL SULFOXIDE'
5 non-polymer 5,6-bis(fluoranyl)-3-(4-piperazin-1-yl-2-propan-2-yloxy-phenyl)-1~{H}-indole-2-carboxamide
6 non-polymer 'MANGANESE (II) ION'
7 water water
#
_entity_poly.entity_id   1
_entity_poly.type   'polypeptide(L)'
_entity_poly.pdbx_seq_one_letter_code
;MGPKVQTDPPSVPICDLYPNGVFPKGQECEYPPTQDGRTAAWRTTSEEKKALDQASEEIWNDFREAAEAHRQVRKYVMSW
IKPGMTMIEICEKLEDCSRKLIKENGLNAGLAFPTGCSLNNCAAHYTPNAGDTTVLQYDDICKIDFGTHISGRIIDCAFT
VTFNPKYDTLLKAVKDATNTGIKCAGIDVRLCDVGEAIQEVMESYEVEIDGKTYQVKPIRNLNGHSIGQYRIHAGKTVPI
VKGGEATRMEEGEVYAIETFGSTGKGVVHDDMECSHYMKNFDVGHVPIRLPRTKHLLNVINENFGTLAFCRRWLDRLGES
KYLMALKNLCDLGIVDPYPPLCDIKGSYTAQFEHTILLRPTCKEVVSRGDDYHHHHHH
;
_entity_poly.pdbx_strand_id   A
#
loop_
_chem_comp.id
_chem_comp.type
_chem_comp.name
_chem_comp.formula
DMS non-polymer 'DIMETHYL SULFOXIDE' 'C2 H6 O S'
EDO non-polymer 1,2-ETHANEDIOL 'C2 H6 O2'
GOL non-polymer GLYCEROL 'C3 H8 O3'
HZE non-polymer 5,6-bis(fluoranyl)-3-(4-piperazin-1-yl-2-propan-2-yloxy-phenyl)-1~{H}-indole-2-carboxamide 'C22 H24 F2 N4 O2'
MN non-polymer 'MANGANESE (II) ION' 'Mn 2'
#
# COMPACT_ATOMS: atom_id res chain seq x y z
N VAL A 5 -11.20 13.31 -22.10
CA VAL A 5 -11.61 11.98 -21.69
C VAL A 5 -10.39 11.02 -21.61
N GLN A 6 -10.43 10.00 -20.71
CA GLN A 6 -9.32 9.06 -20.57
C GLN A 6 -9.27 8.10 -21.76
N THR A 7 -8.08 7.90 -22.33
CA THR A 7 -7.86 7.01 -23.47
C THR A 7 -7.86 5.53 -23.04
N ASP A 8 -7.94 4.61 -24.01
CA ASP A 8 -7.88 3.17 -23.77
C ASP A 8 -6.72 2.64 -24.66
N PRO A 9 -5.54 2.25 -24.11
CA PRO A 9 -5.15 2.20 -22.68
C PRO A 9 -4.98 3.60 -22.03
N PRO A 10 -5.06 3.77 -20.68
CA PRO A 10 -4.92 5.11 -20.10
C PRO A 10 -3.53 5.74 -20.28
N SER A 11 -3.52 6.98 -20.79
CA SER A 11 -2.30 7.74 -21.05
C SER A 11 -2.45 9.22 -20.63
N VAL A 12 -3.69 9.71 -20.43
CA VAL A 12 -3.96 11.11 -20.05
C VAL A 12 -3.73 11.31 -18.53
N PRO A 13 -2.83 12.24 -18.13
CA PRO A 13 -2.63 12.48 -16.68
C PRO A 13 -3.92 12.91 -15.98
N ILE A 14 -4.11 12.47 -14.72
CA ILE A 14 -5.31 12.83 -13.93
C ILE A 14 -5.51 14.38 -13.90
N CYS A 15 -4.41 15.12 -13.75
CA CYS A 15 -4.35 16.58 -13.77
C CYS A 15 -5.09 17.19 -14.98
N ASP A 16 -4.91 16.60 -16.18
CA ASP A 16 -5.55 17.07 -17.42
C ASP A 16 -7.03 16.68 -17.53
N LEU A 17 -7.46 15.62 -16.82
CA LEU A 17 -8.85 15.16 -16.84
C LEU A 17 -9.75 16.03 -15.95
N TYR A 18 -9.13 16.75 -14.99
CA TYR A 18 -9.82 17.65 -14.08
C TYR A 18 -9.25 19.07 -14.23
N PRO A 19 -9.64 19.80 -15.31
CA PRO A 19 -9.08 21.15 -15.55
C PRO A 19 -9.18 22.16 -14.40
N ASN A 20 -10.24 22.04 -13.57
CA ASN A 20 -10.48 22.93 -12.42
C ASN A 20 -9.53 22.67 -11.24
N GLY A 21 -8.80 21.55 -11.29
CA GLY A 21 -7.85 21.15 -10.26
C GLY A 21 -8.51 20.60 -9.01
N VAL A 22 -9.77 20.20 -9.13
CA VAL A 22 -10.58 19.63 -8.05
C VAL A 22 -10.78 18.15 -8.41
N PHE A 23 -10.13 17.26 -7.65
CA PHE A 23 -10.13 15.81 -7.90
C PHE A 23 -11.27 15.08 -7.15
N PRO A 24 -11.82 13.96 -7.70
CA PRO A 24 -12.97 13.31 -7.04
C PRO A 24 -12.70 12.78 -5.64
N LYS A 25 -13.67 13.00 -4.74
CA LYS A 25 -13.61 12.48 -3.37
C LYS A 25 -13.81 10.96 -3.38
N GLY A 26 -13.21 10.28 -2.41
CA GLY A 26 -13.41 8.84 -2.23
C GLY A 26 -14.73 8.62 -1.51
N GLN A 27 -14.97 7.41 -0.98
CA GLN A 27 -16.19 7.12 -0.23
C GLN A 27 -16.18 7.85 1.12
N GLU A 28 -17.20 8.69 1.37
CA GLU A 28 -17.33 9.44 2.62
C GLU A 28 -18.25 8.68 3.57
N CYS A 29 -17.76 8.44 4.80
CA CYS A 29 -18.46 7.71 5.85
C CYS A 29 -18.57 8.53 7.12
N GLU A 30 -19.64 8.28 7.89
CA GLU A 30 -19.81 8.85 9.22
C GLU A 30 -18.90 8.01 10.11
N TYR A 31 -18.39 8.59 11.22
CA TYR A 31 -17.53 7.84 12.14
C TYR A 31 -18.34 6.82 12.95
N PRO A 32 -17.75 5.67 13.39
CA PRO A 32 -18.55 4.70 14.17
C PRO A 32 -19.06 5.25 15.51
N PRO A 33 -20.24 4.79 16.01
CA PRO A 33 -20.72 5.28 17.31
C PRO A 33 -19.83 4.80 18.45
N THR A 34 -19.88 5.50 19.60
CA THR A 34 -19.10 5.15 20.79
C THR A 34 -19.70 3.93 21.49
N GLN A 35 -19.02 3.43 22.56
CA GLN A 35 -19.46 2.31 23.39
C GLN A 35 -20.81 2.61 24.08
N ASP A 36 -21.06 3.90 24.40
CA ASP A 36 -22.28 4.40 25.02
C ASP A 36 -23.44 4.48 24.02
N GLY A 37 -23.11 4.48 22.73
CA GLY A 37 -24.07 4.56 21.63
C GLY A 37 -24.23 5.95 21.04
N ARG A 38 -23.35 6.89 21.43
CA ARG A 38 -23.36 8.28 20.96
C ARG A 38 -22.86 8.34 19.51
N THR A 39 -23.64 8.95 18.60
CA THR A 39 -23.28 9.09 17.19
C THR A 39 -22.25 10.19 16.96
N ALA A 40 -21.44 10.03 15.90
CA ALA A 40 -20.41 10.99 15.51
C ALA A 40 -20.90 11.93 14.40
N ALA A 41 -22.18 11.77 13.98
CA ALA A 41 -22.88 12.56 12.95
C ALA A 41 -22.67 14.09 13.07
N TRP A 42 -22.61 14.64 14.32
CA TRP A 42 -22.38 16.06 14.63
C TRP A 42 -21.16 16.69 13.92
N ARG A 43 -20.12 15.89 13.60
N ARG A 43 -20.12 15.89 13.60
CA ARG A 43 -18.89 16.33 12.92
CA ARG A 43 -18.90 16.33 12.92
C ARG A 43 -19.14 16.91 11.53
C ARG A 43 -19.15 16.91 11.53
N THR A 44 -20.11 16.33 10.79
CA THR A 44 -20.49 16.74 9.42
C THR A 44 -21.08 18.16 9.32
N THR A 45 -21.74 18.65 10.38
CA THR A 45 -22.38 19.96 10.37
C THR A 45 -21.70 20.99 11.28
N SER A 46 -20.73 20.54 12.11
CA SER A 46 -19.97 21.41 13.02
C SER A 46 -19.16 22.42 12.20
N GLU A 47 -19.37 23.72 12.47
CA GLU A 47 -18.69 24.81 11.77
C GLU A 47 -17.18 24.82 12.05
N GLU A 48 -16.79 24.40 13.27
CA GLU A 48 -15.41 24.28 13.74
C GLU A 48 -14.71 23.13 13.00
N LYS A 49 -15.40 21.97 12.86
CA LYS A 49 -14.85 20.81 12.15
C LYS A 49 -14.73 21.10 10.66
N LYS A 50 -15.72 21.85 10.09
CA LYS A 50 -15.73 22.26 8.68
C LYS A 50 -14.58 23.23 8.40
N ALA A 51 -14.29 24.15 9.35
CA ALA A 51 -13.19 25.11 9.25
C ALA A 51 -11.86 24.36 9.20
N LEU A 52 -11.65 23.42 10.17
CA LEU A 52 -10.45 22.58 10.26
C LEU A 52 -10.28 21.70 9.02
N ASP A 53 -11.40 21.24 8.43
CA ASP A 53 -11.38 20.40 7.24
C ASP A 53 -10.99 21.21 6.00
N GLN A 54 -11.58 22.42 5.85
CA GLN A 54 -11.28 23.35 4.75
C GLN A 54 -9.82 23.82 4.76
N ALA A 55 -9.22 23.95 5.97
CA ALA A 55 -7.83 24.37 6.17
C ALA A 55 -6.84 23.37 5.58
N SER A 56 -7.24 22.08 5.43
CA SER A 56 -6.44 20.99 4.89
C SER A 56 -6.94 20.50 3.51
N GLU A 57 -7.83 21.27 2.85
CA GLU A 57 -8.42 20.92 1.54
C GLU A 57 -7.37 20.61 0.48
N GLU A 58 -6.28 21.40 0.44
CA GLU A 58 -5.17 21.20 -0.48
C GLU A 58 -4.53 19.82 -0.29
N ILE A 59 -4.39 19.37 0.99
CA ILE A 59 -3.85 18.07 1.35
C ILE A 59 -4.80 16.95 0.87
N TRP A 60 -6.13 17.08 1.17
CA TRP A 60 -7.07 16.04 0.72
C TRP A 60 -7.15 15.99 -0.80
N ASN A 61 -7.07 17.16 -1.46
CA ASN A 61 -7.09 17.27 -2.93
C ASN A 61 -5.91 16.51 -3.57
N ASP A 62 -4.72 16.55 -2.95
CA ASP A 62 -3.50 15.83 -3.40
C ASP A 62 -3.71 14.31 -3.25
N PHE A 63 -4.25 13.87 -2.09
CA PHE A 63 -4.53 12.45 -1.87
C PHE A 63 -5.55 11.98 -2.92
N ARG A 64 -6.58 12.81 -3.21
CA ARG A 64 -7.63 12.49 -4.19
C ARG A 64 -7.08 12.34 -5.61
N GLU A 65 -6.15 13.24 -6.01
CA GLU A 65 -5.52 13.11 -7.32
C GLU A 65 -4.75 11.78 -7.39
N ALA A 66 -3.93 11.47 -6.35
CA ALA A 66 -3.16 10.23 -6.27
C ALA A 66 -4.10 8.99 -6.28
N ALA A 67 -5.27 9.08 -5.59
CA ALA A 67 -6.25 7.99 -5.52
C ALA A 67 -6.91 7.73 -6.88
N GLU A 68 -7.22 8.81 -7.65
CA GLU A 68 -7.84 8.69 -8.98
C GLU A 68 -6.89 8.00 -9.96
N ALA A 69 -5.59 8.36 -9.90
CA ALA A 69 -4.55 7.70 -10.71
C ALA A 69 -4.54 6.22 -10.31
N HIS A 70 -4.59 5.92 -9.01
CA HIS A 70 -4.53 4.54 -8.51
C HIS A 70 -5.70 3.69 -9.04
N ARG A 71 -6.93 4.24 -8.97
CA ARG A 71 -8.15 3.56 -9.46
C ARG A 71 -8.02 3.24 -10.95
N GLN A 72 -7.62 4.23 -11.76
CA GLN A 72 -7.48 4.06 -13.21
C GLN A 72 -6.37 3.05 -13.57
N VAL A 73 -5.25 3.07 -12.82
CA VAL A 73 -4.18 2.11 -13.05
C VAL A 73 -4.71 0.69 -12.73
N ARG A 74 -5.35 0.49 -11.57
CA ARG A 74 -5.75 -0.85 -11.18
C ARG A 74 -6.88 -1.41 -12.05
N LYS A 75 -7.79 -0.56 -12.57
CA LYS A 75 -8.84 -0.97 -13.51
C LYS A 75 -8.15 -1.47 -14.81
N TYR A 76 -7.09 -0.77 -15.25
CA TYR A 76 -6.28 -1.10 -16.42
C TYR A 76 -5.57 -2.45 -16.18
N VAL A 77 -4.89 -2.59 -15.03
CA VAL A 77 -4.20 -3.83 -14.65
C VAL A 77 -5.14 -5.05 -14.71
N MET A 78 -6.37 -4.91 -14.18
CA MET A 78 -7.35 -5.99 -14.17
C MET A 78 -7.78 -6.46 -15.55
N SER A 79 -7.72 -5.57 -16.55
CA SER A 79 -8.11 -5.85 -17.94
C SER A 79 -7.08 -6.69 -18.71
N TRP A 80 -5.81 -6.71 -18.28
CA TRP A 80 -4.78 -7.46 -19.01
C TRP A 80 -3.96 -8.46 -18.17
N ILE A 81 -3.95 -8.35 -16.83
CA ILE A 81 -3.10 -9.25 -16.05
C ILE A 81 -3.49 -10.72 -16.34
N LYS A 82 -2.53 -11.52 -16.83
CA LYS A 82 -2.83 -12.90 -17.22
C LYS A 82 -1.67 -13.81 -16.91
N PRO A 83 -1.92 -15.13 -16.64
CA PRO A 83 -0.77 -16.04 -16.51
C PRO A 83 -0.04 -16.09 -17.86
N GLY A 84 1.27 -16.35 -17.83
CA GLY A 84 2.09 -16.37 -19.04
C GLY A 84 2.98 -15.14 -19.08
N MET A 85 2.50 -14.03 -18.48
CA MET A 85 3.28 -12.79 -18.43
C MET A 85 4.39 -12.92 -17.38
N THR A 86 5.58 -12.37 -17.68
CA THR A 86 6.64 -12.36 -16.67
C THR A 86 6.23 -11.33 -15.60
N MET A 87 6.72 -11.51 -14.38
CA MET A 87 6.47 -10.55 -13.29
C MET A 87 7.08 -9.19 -13.66
N ILE A 88 8.25 -9.17 -14.37
CA ILE A 88 8.87 -7.92 -14.83
C ILE A 88 7.90 -7.15 -15.76
N GLU A 89 7.37 -7.84 -16.79
CA GLU A 89 6.43 -7.26 -17.77
C GLU A 89 5.20 -6.68 -17.05
N ILE A 90 4.63 -7.40 -16.06
CA ILE A 90 3.47 -6.93 -15.29
C ILE A 90 3.83 -5.61 -14.57
N CYS A 91 4.96 -5.61 -13.82
CA CYS A 91 5.40 -4.44 -13.08
C CYS A 91 5.70 -3.22 -13.98
N GLU A 92 6.39 -3.44 -15.12
CA GLU A 92 6.76 -2.35 -16.05
C GLU A 92 5.55 -1.77 -16.74
N LYS A 93 4.57 -2.61 -17.15
CA LYS A 93 3.32 -2.16 -17.79
C LYS A 93 2.49 -1.33 -16.81
N LEU A 94 2.37 -1.79 -15.54
CA LEU A 94 1.67 -1.10 -14.46
C LEU A 94 2.35 0.25 -14.16
N GLU A 95 3.69 0.21 -13.94
CA GLU A 95 4.45 1.42 -13.61
C GLU A 95 4.45 2.46 -14.71
N ASP A 96 4.52 2.04 -16.00
N ASP A 96 4.52 2.04 -16.00
CA ASP A 96 4.48 2.94 -17.17
CA ASP A 96 4.49 2.96 -17.15
C ASP A 96 3.18 3.76 -17.17
C ASP A 96 3.18 3.76 -17.17
N CYS A 97 2.06 3.09 -16.85
CA CYS A 97 0.72 3.68 -16.78
C CYS A 97 0.64 4.64 -15.59
N SER A 98 1.09 4.17 -14.43
CA SER A 98 1.13 4.92 -13.19
C SER A 98 1.93 6.23 -13.35
N ARG A 99 3.14 6.17 -13.98
CA ARG A 99 3.99 7.36 -14.27
C ARG A 99 3.25 8.37 -15.14
N LYS A 100 2.54 7.88 -16.18
CA LYS A 100 1.78 8.75 -17.10
C LYS A 100 0.59 9.44 -16.39
N LEU A 101 -0.22 8.66 -15.64
CA LEU A 101 -1.43 9.19 -14.98
C LEU A 101 -1.14 10.10 -13.79
N ILE A 102 -0.08 9.82 -13.02
CA ILE A 102 0.31 10.66 -11.89
C ILE A 102 1.07 11.93 -12.37
N LYS A 103 1.50 11.95 -13.67
CA LYS A 103 2.31 13.03 -14.28
C LYS A 103 3.60 13.15 -13.45
N GLU A 104 4.38 12.04 -13.43
CA GLU A 104 5.61 11.93 -12.65
C GLU A 104 6.49 13.15 -12.84
N ASN A 105 6.83 13.82 -11.73
CA ASN A 105 7.65 15.03 -11.73
C ASN A 105 8.57 15.10 -10.49
N GLY A 106 9.69 14.40 -10.57
CA GLY A 106 10.67 14.31 -9.48
C GLY A 106 10.01 13.92 -8.18
N LEU A 107 10.30 14.67 -7.09
CA LEU A 107 9.71 14.44 -5.77
C LEU A 107 8.32 15.08 -5.58
N ASN A 108 7.83 15.84 -6.57
CA ASN A 108 6.52 16.49 -6.46
C ASN A 108 5.32 15.60 -6.82
N ALA A 109 5.51 14.59 -7.69
CA ALA A 109 4.45 13.65 -8.10
C ALA A 109 5.11 12.40 -8.63
N GLY A 110 4.57 11.23 -8.29
CA GLY A 110 5.17 9.99 -8.75
C GLY A 110 4.73 8.75 -8.03
N LEU A 111 5.61 7.75 -8.06
CA LEU A 111 5.39 6.43 -7.47
C LEU A 111 5.90 6.46 -6.05
N ALA A 112 5.02 6.09 -5.11
CA ALA A 112 5.30 6.12 -3.67
C ALA A 112 6.22 5.00 -3.22
N PHE A 113 6.15 3.85 -3.88
CA PHE A 113 6.93 2.66 -3.56
C PHE A 113 6.89 1.68 -4.71
N PRO A 114 7.84 0.71 -4.78
CA PRO A 114 7.77 -0.26 -5.90
C PRO A 114 6.49 -1.08 -5.96
N THR A 115 6.15 -1.57 -7.16
CA THR A 115 4.98 -2.44 -7.36
C THR A 115 5.25 -3.83 -6.76
N GLY A 116 4.53 -4.18 -5.72
CA GLY A 116 4.57 -5.53 -5.16
C GLY A 116 3.70 -6.43 -6.02
N CYS A 117 4.20 -7.62 -6.30
CA CYS A 117 3.45 -8.63 -7.05
C CYS A 117 3.74 -9.98 -6.39
N SER A 118 3.74 -10.00 -5.07
CA SER A 118 4.07 -11.18 -4.29
C SER A 118 3.15 -12.36 -4.60
N LEU A 119 3.75 -13.52 -4.72
CA LEU A 119 3.04 -14.73 -5.10
C LEU A 119 2.93 -15.85 -4.07
N ASN A 120 1.73 -16.44 -3.98
CA ASN A 120 1.51 -17.61 -3.14
C ASN A 120 1.84 -17.41 -1.68
N ASN A 121 2.80 -18.18 -1.17
CA ASN A 121 3.24 -18.06 0.22
C ASN A 121 3.89 -16.71 0.58
N CYS A 122 4.46 -16.01 -0.42
CA CYS A 122 5.05 -14.71 -0.15
C CYS A 122 3.92 -13.69 -0.09
N ALA A 123 3.70 -13.16 1.10
CA ALA A 123 2.70 -12.14 1.39
C ALA A 123 2.96 -10.73 0.87
N ALA A 124 4.20 -10.29 0.98
CA ALA A 124 4.54 -8.93 0.62
C ALA A 124 6.00 -8.66 0.29
N HIS A 125 6.22 -7.49 -0.29
CA HIS A 125 7.52 -6.96 -0.66
C HIS A 125 8.34 -7.70 -1.69
N TYR A 126 7.66 -8.35 -2.62
CA TYR A 126 8.36 -8.98 -3.70
C TYR A 126 8.07 -8.23 -4.98
N THR A 127 9.14 -7.79 -5.61
CA THR A 127 9.14 -7.18 -6.93
C THR A 127 10.35 -7.80 -7.64
N PRO A 128 10.24 -8.18 -8.94
CA PRO A 128 11.41 -8.74 -9.61
C PRO A 128 12.58 -7.74 -9.67
N ASN A 129 13.81 -8.26 -9.55
CA ASN A 129 15.06 -7.53 -9.79
C ASN A 129 15.40 -7.87 -11.26
N ALA A 130 16.36 -7.17 -11.90
CA ALA A 130 16.76 -7.47 -13.28
C ALA A 130 17.18 -8.95 -13.42
N GLY A 131 16.77 -9.56 -14.53
CA GLY A 131 17.07 -10.96 -14.82
C GLY A 131 16.12 -11.97 -14.19
N ASP A 132 15.13 -11.51 -13.40
CA ASP A 132 14.14 -12.43 -12.79
C ASP A 132 13.25 -12.99 -13.92
N THR A 133 13.28 -14.31 -14.12
CA THR A 133 12.52 -14.96 -15.19
C THR A 133 11.13 -15.46 -14.73
N THR A 134 10.72 -15.17 -13.48
CA THR A 134 9.44 -15.62 -12.93
C THR A 134 8.27 -15.24 -13.83
N VAL A 135 7.42 -16.22 -14.13
CA VAL A 135 6.24 -16.08 -14.95
C VAL A 135 5.02 -16.34 -14.04
N LEU A 136 3.98 -15.49 -14.19
CA LEU A 136 2.71 -15.65 -13.46
C LEU A 136 2.01 -16.93 -13.95
N GLN A 137 1.59 -17.79 -13.02
CA GLN A 137 0.93 -19.07 -13.33
C GLN A 137 -0.57 -19.01 -13.05
N TYR A 138 -1.33 -19.90 -13.72
CA TYR A 138 -2.77 -20.00 -13.58
C TYR A 138 -3.19 -20.21 -12.11
N ASP A 139 -2.47 -21.07 -11.36
CA ASP A 139 -2.74 -21.35 -9.96
C ASP A 139 -2.12 -20.36 -8.99
N ASP A 140 -1.49 -19.28 -9.48
CA ASP A 140 -0.90 -18.32 -8.56
C ASP A 140 -1.92 -17.41 -7.88
N ILE A 141 -1.56 -16.95 -6.68
CA ILE A 141 -2.28 -15.96 -5.91
C ILE A 141 -1.34 -14.74 -5.80
N CYS A 142 -1.61 -13.71 -6.62
CA CYS A 142 -0.75 -12.55 -6.76
C CYS A 142 -1.26 -11.29 -6.07
N LYS A 143 -0.48 -10.72 -5.15
CA LYS A 143 -0.87 -9.50 -4.46
C LYS A 143 -0.28 -8.30 -5.16
N ILE A 144 -1.14 -7.50 -5.84
CA ILE A 144 -0.71 -6.30 -6.53
C ILE A 144 -0.79 -5.16 -5.54
N ASP A 145 0.36 -4.64 -5.09
CA ASP A 145 0.42 -3.57 -4.11
C ASP A 145 1.28 -2.44 -4.66
N PHE A 146 0.66 -1.32 -5.00
CA PHE A 146 1.39 -0.18 -5.56
C PHE A 146 0.91 1.10 -4.96
N GLY A 147 1.74 2.12 -5.10
CA GLY A 147 1.45 3.42 -4.52
C GLY A 147 1.74 4.58 -5.44
N THR A 148 0.94 5.62 -5.27
CA THR A 148 1.07 6.87 -6.01
C THR A 148 1.14 7.99 -4.99
N HIS A 149 1.72 9.13 -5.37
CA HIS A 149 1.71 10.28 -4.48
C HIS A 149 1.67 11.58 -5.26
N ILE A 150 1.13 12.61 -4.61
CA ILE A 150 1.17 13.99 -5.04
C ILE A 150 1.68 14.73 -3.81
N SER A 151 2.84 15.44 -3.96
CA SER A 151 3.44 16.23 -2.87
C SER A 151 3.66 15.38 -1.59
N GLY A 152 4.03 14.12 -1.78
CA GLY A 152 4.23 13.18 -0.70
C GLY A 152 2.98 12.70 0.00
N ARG A 153 1.77 13.01 -0.55
CA ARG A 153 0.48 12.51 -0.03
C ARG A 153 0.26 11.17 -0.72
N ILE A 154 0.56 10.11 0.05
CA ILE A 154 0.65 8.73 -0.43
C ILE A 154 -0.66 7.95 -0.43
N ILE A 155 -0.93 7.26 -1.55
CA ILE A 155 -2.02 6.29 -1.62
C ILE A 155 -1.36 4.91 -1.56
N ASP A 156 -1.66 4.16 -0.50
CA ASP A 156 -1.18 2.80 -0.30
C ASP A 156 -2.43 1.91 -0.43
N CYS A 157 -2.52 1.22 -1.59
CA CYS A 157 -3.71 0.46 -1.95
C CYS A 157 -3.32 -0.82 -2.70
N ALA A 158 -3.92 -1.93 -2.29
CA ALA A 158 -3.59 -3.28 -2.78
C ALA A 158 -4.79 -4.20 -2.91
N PHE A 159 -4.69 -5.15 -3.83
CA PHE A 159 -5.71 -6.16 -4.10
C PHE A 159 -5.03 -7.47 -4.50
N THR A 160 -5.79 -8.56 -4.46
CA THR A 160 -5.25 -9.88 -4.80
C THR A 160 -5.84 -10.35 -6.13
N VAL A 161 -4.98 -10.84 -7.01
CA VAL A 161 -5.34 -11.35 -8.32
C VAL A 161 -5.23 -12.89 -8.29
N THR A 162 -6.27 -13.57 -8.83
CA THR A 162 -6.30 -15.03 -8.96
C THR A 162 -6.96 -15.38 -10.32
N PHE A 163 -6.77 -16.62 -10.79
CA PHE A 163 -7.36 -17.11 -12.05
C PHE A 163 -8.16 -18.38 -11.80
N ASN A 164 -7.79 -19.08 -10.74
CA ASN A 164 -8.46 -20.31 -10.34
C ASN A 164 -9.52 -19.97 -9.28
N PRO A 165 -10.82 -20.29 -9.53
CA PRO A 165 -11.87 -20.03 -8.52
C PRO A 165 -11.68 -20.72 -7.16
N LYS A 166 -10.79 -21.75 -7.04
CA LYS A 166 -10.56 -22.46 -5.77
C LYS A 166 -10.15 -21.50 -4.62
N TYR A 167 -9.59 -20.31 -4.94
CA TYR A 167 -9.21 -19.31 -3.91
C TYR A 167 -10.31 -18.31 -3.59
N ASP A 168 -11.49 -18.39 -4.25
CA ASP A 168 -12.56 -17.39 -4.06
C ASP A 168 -12.93 -17.11 -2.61
N THR A 169 -13.11 -18.16 -1.78
CA THR A 169 -13.50 -17.94 -0.38
C THR A 169 -12.34 -17.33 0.45
N LEU A 170 -11.08 -17.73 0.17
CA LEU A 170 -9.91 -17.10 0.83
C LEU A 170 -9.91 -15.57 0.54
N LEU A 171 -10.12 -15.19 -0.74
CA LEU A 171 -10.15 -13.77 -1.11
C LEU A 171 -11.31 -13.05 -0.40
N LYS A 172 -12.50 -13.70 -0.36
CA LYS A 172 -13.66 -13.12 0.30
C LYS A 172 -13.38 -12.85 1.79
N ALA A 173 -12.73 -13.80 2.49
CA ALA A 173 -12.39 -13.67 3.92
C ALA A 173 -11.55 -12.41 4.16
N VAL A 174 -10.50 -12.21 3.34
CA VAL A 174 -9.58 -11.10 3.46
C VAL A 174 -10.28 -9.78 3.09
N LYS A 175 -11.10 -9.76 2.01
N LYS A 175 -11.11 -9.79 2.02
CA LYS A 175 -11.84 -8.53 1.65
CA LYS A 175 -11.90 -8.63 1.58
C LYS A 175 -12.78 -8.10 2.78
C LYS A 175 -12.80 -8.13 2.73
N ASP A 176 -13.48 -9.08 3.40
CA ASP A 176 -14.40 -8.84 4.51
C ASP A 176 -13.66 -8.30 5.74
N ALA A 177 -12.49 -8.88 6.09
CA ALA A 177 -11.65 -8.39 7.21
C ALA A 177 -11.15 -6.94 6.97
N THR A 178 -10.70 -6.63 5.74
CA THR A 178 -10.27 -5.28 5.34
C THR A 178 -11.45 -4.29 5.45
N ASN A 179 -12.63 -4.63 4.89
CA ASN A 179 -13.83 -3.77 4.97
C ASN A 179 -14.26 -3.55 6.43
N THR A 180 -14.07 -4.56 7.30
CA THR A 180 -14.38 -4.48 8.74
C THR A 180 -13.45 -3.46 9.40
N GLY A 181 -12.16 -3.53 9.08
CA GLY A 181 -11.15 -2.60 9.57
C GLY A 181 -11.47 -1.18 9.19
N ILE A 182 -11.84 -0.96 7.91
CA ILE A 182 -12.23 0.35 7.37
C ILE A 182 -13.42 0.89 8.17
N LYS A 183 -14.45 0.05 8.38
CA LYS A 183 -15.68 0.36 9.12
C LYS A 183 -15.41 0.69 10.59
N CYS A 184 -14.52 -0.06 11.26
CA CYS A 184 -14.21 0.14 12.68
C CYS A 184 -13.32 1.35 12.97
N ALA A 185 -12.44 1.73 12.01
CA ALA A 185 -11.53 2.87 12.12
C ALA A 185 -12.29 4.20 12.36
N GLY A 186 -11.67 5.12 13.07
CA GLY A 186 -12.28 6.41 13.36
C GLY A 186 -11.49 7.21 14.37
N ILE A 187 -11.76 8.52 14.46
CA ILE A 187 -11.12 9.42 15.43
C ILE A 187 -11.45 8.93 16.86
N ASP A 188 -10.41 8.82 17.71
CA ASP A 188 -10.44 8.38 19.12
C ASP A 188 -10.71 6.87 19.27
N VAL A 189 -10.81 6.12 18.15
CA VAL A 189 -11.00 4.67 18.18
C VAL A 189 -9.64 4.04 18.45
N ARG A 190 -9.59 3.04 19.34
CA ARG A 190 -8.37 2.32 19.68
C ARG A 190 -7.91 1.46 18.52
N LEU A 191 -6.58 1.43 18.28
CA LEU A 191 -5.97 0.61 17.21
C LEU A 191 -6.15 -0.88 17.49
N CYS A 192 -6.09 -1.27 18.80
N CYS A 192 -6.08 -1.28 18.78
CA CYS A 192 -6.27 -2.65 19.28
CA CYS A 192 -6.25 -2.65 19.25
C CYS A 192 -7.69 -3.15 19.01
C CYS A 192 -7.69 -3.15 19.03
N ASP A 193 -8.68 -2.22 19.03
CA ASP A 193 -10.10 -2.52 18.79
C ASP A 193 -10.33 -2.85 17.31
N VAL A 194 -9.69 -2.07 16.41
CA VAL A 194 -9.75 -2.29 14.95
C VAL A 194 -9.18 -3.68 14.64
N GLY A 195 -8.05 -4.00 15.28
CA GLY A 195 -7.34 -5.27 15.18
C GLY A 195 -8.12 -6.49 15.59
N GLU A 196 -8.83 -6.41 16.73
CA GLU A 196 -9.66 -7.49 17.25
C GLU A 196 -10.85 -7.75 16.30
N ALA A 197 -11.46 -6.67 15.76
CA ALA A 197 -12.60 -6.75 14.84
C ALA A 197 -12.20 -7.44 13.53
N ILE A 198 -11.01 -7.08 12.98
CA ILE A 198 -10.43 -7.67 11.77
C ILE A 198 -10.26 -9.18 11.97
N GLN A 199 -9.62 -9.59 13.08
CA GLN A 199 -9.36 -10.99 13.42
C GLN A 199 -10.62 -11.84 13.53
N GLU A 200 -11.64 -11.34 14.24
CA GLU A 200 -12.92 -12.02 14.44
C GLU A 200 -13.59 -12.38 13.11
N VAL A 201 -13.55 -11.45 12.15
CA VAL A 201 -14.14 -11.60 10.81
C VAL A 201 -13.31 -12.61 9.98
N MET A 202 -12.00 -12.42 9.88
CA MET A 202 -11.18 -13.33 9.08
C MET A 202 -11.23 -14.78 9.51
N GLU A 203 -11.18 -15.01 10.84
CA GLU A 203 -11.20 -16.35 11.41
C GLU A 203 -12.57 -17.05 11.35
N SER A 204 -13.64 -16.31 10.98
CA SER A 204 -14.97 -16.89 10.86
C SER A 204 -15.08 -17.69 9.55
N TYR A 205 -14.06 -17.58 8.68
CA TYR A 205 -14.02 -18.24 7.39
C TYR A 205 -13.22 -19.52 7.40
N GLU A 206 -13.81 -20.55 6.76
CA GLU A 206 -13.13 -21.82 6.52
C GLU A 206 -13.11 -22.04 5.01
N VAL A 207 -11.99 -22.53 4.50
CA VAL A 207 -11.79 -22.69 3.05
C VAL A 207 -11.30 -24.09 2.73
N GLU A 208 -11.59 -24.56 1.51
CA GLU A 208 -11.13 -25.86 1.04
C GLU A 208 -10.35 -25.63 -0.25
N ILE A 209 -9.08 -26.03 -0.26
CA ILE A 209 -8.20 -25.88 -1.42
C ILE A 209 -7.54 -27.24 -1.65
N ASP A 210 -7.82 -27.85 -2.82
CA ASP A 210 -7.32 -29.16 -3.26
C ASP A 210 -7.50 -30.27 -2.19
N GLY A 211 -8.72 -30.36 -1.65
CA GLY A 211 -9.10 -31.35 -0.65
C GLY A 211 -8.61 -31.10 0.75
N LYS A 212 -7.91 -29.97 1.00
CA LYS A 212 -7.46 -29.64 2.35
C LYS A 212 -8.29 -28.48 2.89
N THR A 213 -8.72 -28.57 4.16
CA THR A 213 -9.52 -27.49 4.77
C THR A 213 -8.62 -26.67 5.66
N TYR A 214 -8.95 -25.39 5.79
CA TYR A 214 -8.21 -24.43 6.59
C TYR A 214 -9.13 -23.40 7.17
N GLN A 215 -8.77 -22.87 8.35
CA GLN A 215 -9.42 -21.71 8.92
C GLN A 215 -8.49 -20.54 8.48
N VAL A 216 -9.05 -19.49 7.86
CA VAL A 216 -8.24 -18.35 7.40
C VAL A 216 -7.61 -17.65 8.63
N LYS A 217 -6.29 -17.52 8.61
CA LYS A 217 -5.53 -16.90 9.69
C LYS A 217 -5.05 -15.50 9.28
N PRO A 218 -5.24 -14.45 10.11
CA PRO A 218 -4.62 -13.16 9.77
C PRO A 218 -3.10 -13.27 9.99
N ILE A 219 -2.30 -12.60 9.15
CA ILE A 219 -0.83 -12.66 9.33
C ILE A 219 -0.49 -11.72 10.48
N ARG A 220 -0.22 -12.29 11.67
CA ARG A 220 -0.04 -11.54 12.92
C ARG A 220 1.06 -10.45 12.87
N ASN A 221 2.14 -10.62 12.06
CA ASN A 221 3.19 -9.61 12.00
C ASN A 221 3.09 -8.67 10.77
N LEU A 222 1.97 -8.75 10.03
CA LEU A 222 1.68 -7.81 8.95
C LEU A 222 0.53 -6.98 9.47
N ASN A 223 0.61 -5.64 9.32
N ASN A 223 0.56 -5.66 9.24
CA ASN A 223 -0.39 -4.74 9.91
CA ASN A 223 -0.42 -4.76 9.83
C ASN A 223 -0.63 -3.48 9.08
C ASN A 223 -0.64 -3.47 9.06
N GLY A 224 -1.75 -2.81 9.39
CA GLY A 224 -2.12 -1.51 8.84
C GLY A 224 -1.27 -0.46 9.56
N HIS A 225 -1.28 0.80 9.07
CA HIS A 225 -0.38 1.82 9.64
C HIS A 225 -0.76 3.24 9.30
N SER A 226 -0.29 4.19 10.10
CA SER A 226 -0.44 5.62 9.82
C SER A 226 0.49 5.98 8.65
N ILE A 227 0.11 6.99 7.87
CA ILE A 227 0.85 7.50 6.72
C ILE A 227 1.19 8.98 7.00
N GLY A 228 2.45 9.33 6.78
CA GLY A 228 2.99 10.68 6.91
C GLY A 228 3.42 11.18 5.55
N GLN A 229 3.68 12.49 5.44
CA GLN A 229 4.15 13.07 4.18
C GLN A 229 5.52 12.46 3.85
N TYR A 230 5.64 11.86 2.64
CA TYR A 230 6.84 11.15 2.15
C TYR A 230 7.23 10.00 3.10
N ARG A 231 6.29 9.58 3.97
CA ARG A 231 6.48 8.55 4.99
C ARG A 231 5.36 7.48 4.94
N ILE A 232 5.65 6.36 4.24
CA ILE A 232 4.72 5.23 4.08
C ILE A 232 4.21 4.72 5.45
N HIS A 233 5.13 4.58 6.43
CA HIS A 233 4.77 4.12 7.77
C HIS A 233 5.16 5.25 8.75
N ALA A 234 4.15 5.96 9.27
CA ALA A 234 4.37 7.10 10.18
C ALA A 234 4.44 6.75 11.69
N GLY A 235 4.61 5.47 12.02
CA GLY A 235 4.80 5.05 13.41
C GLY A 235 3.65 4.42 14.17
N LYS A 236 2.41 4.60 13.73
CA LYS A 236 1.27 3.98 14.41
C LYS A 236 0.89 2.70 13.66
N THR A 237 0.70 1.59 14.40
CA THR A 237 0.37 0.31 13.79
C THR A 237 -1.04 -0.14 14.12
N VAL A 238 -1.76 -0.64 13.10
CA VAL A 238 -3.13 -1.15 13.20
C VAL A 238 -3.01 -2.70 13.17
N PRO A 239 -3.03 -3.39 14.33
CA PRO A 239 -2.93 -4.87 14.31
C PRO A 239 -4.08 -5.56 13.56
N ILE A 240 -3.88 -6.85 13.19
CA ILE A 240 -4.90 -7.62 12.48
C ILE A 240 -5.25 -8.90 13.29
N VAL A 241 -4.69 -9.01 14.52
CA VAL A 241 -4.93 -10.08 15.50
C VAL A 241 -5.24 -9.41 16.87
N LYS A 242 -5.82 -10.18 17.84
CA LYS A 242 -6.13 -9.71 19.19
C LYS A 242 -4.87 -9.35 19.98
N ALA A 246 -3.20 -0.12 23.26
CA ALA A 246 -4.46 0.61 23.41
C ALA A 246 -4.37 2.07 22.91
N THR A 247 -3.39 2.34 22.01
CA THR A 247 -3.16 3.64 21.36
C THR A 247 -4.37 3.94 20.46
N ARG A 248 -4.79 5.22 20.38
CA ARG A 248 -5.96 5.63 19.61
C ARG A 248 -5.61 6.40 18.33
N MET A 249 -6.53 6.36 17.35
CA MET A 249 -6.41 7.09 16.09
C MET A 249 -6.76 8.55 16.39
N GLU A 250 -6.11 9.48 15.70
CA GLU A 250 -6.32 10.92 15.90
C GLU A 250 -6.83 11.64 14.66
N GLU A 251 -7.50 12.77 14.88
CA GLU A 251 -8.05 13.67 13.86
C GLU A 251 -6.95 14.24 12.94
N GLY A 252 -7.19 14.16 11.63
CA GLY A 252 -6.26 14.62 10.60
C GLY A 252 -5.31 13.54 10.12
N GLU A 253 -5.23 12.41 10.84
CA GLU A 253 -4.35 11.29 10.48
C GLU A 253 -4.82 10.56 9.23
N VAL A 254 -3.89 9.89 8.55
CA VAL A 254 -4.14 9.13 7.33
C VAL A 254 -3.66 7.69 7.62
N TYR A 255 -4.49 6.69 7.32
CA TYR A 255 -4.14 5.29 7.59
C TYR A 255 -4.23 4.39 6.39
N ALA A 256 -3.33 3.42 6.31
CA ALA A 256 -3.43 2.36 5.32
C ALA A 256 -4.09 1.22 6.11
N ILE A 257 -5.33 0.87 5.75
CA ILE A 257 -6.02 -0.24 6.41
C ILE A 257 -5.80 -1.46 5.52
N GLU A 258 -4.93 -2.35 5.96
CA GLU A 258 -4.62 -3.56 5.21
C GLU A 258 -4.73 -4.78 6.08
N THR A 259 -5.17 -5.87 5.47
CA THR A 259 -5.26 -7.16 6.13
C THR A 259 -4.68 -8.21 5.21
N PHE A 260 -4.12 -9.24 5.82
CA PHE A 260 -3.52 -10.38 5.15
C PHE A 260 -4.09 -11.65 5.77
N GLY A 261 -4.56 -12.54 4.91
CA GLY A 261 -5.06 -13.86 5.29
C GLY A 261 -4.13 -14.92 4.77
N SER A 262 -3.96 -16.01 5.52
CA SER A 262 -3.07 -17.09 5.16
C SER A 262 -3.60 -18.46 5.52
N THR A 263 -3.25 -19.45 4.70
CA THR A 263 -3.55 -20.87 4.95
C THR A 263 -2.37 -21.53 5.70
N GLY A 264 -1.29 -20.77 5.93
CA GLY A 264 -0.10 -21.23 6.63
C GLY A 264 -0.13 -21.00 8.13
N LYS A 265 1.00 -20.53 8.68
CA LYS A 265 1.14 -20.29 10.12
C LYS A 265 0.52 -18.97 10.58
N GLY A 266 0.32 -18.04 9.65
CA GLY A 266 -0.20 -16.71 9.96
C GLY A 266 0.90 -15.80 10.49
N VAL A 267 2.14 -16.07 10.07
CA VAL A 267 3.36 -15.34 10.44
C VAL A 267 4.33 -15.38 9.25
N VAL A 268 4.95 -14.23 8.97
CA VAL A 268 5.90 -14.09 7.86
C VAL A 268 7.33 -13.89 8.35
N HIS A 269 8.28 -14.33 7.53
CA HIS A 269 9.70 -14.21 7.80
C HIS A 269 10.40 -13.72 6.53
N ASP A 270 11.51 -13.01 6.69
CA ASP A 270 12.25 -12.52 5.53
C ASP A 270 12.74 -13.70 4.71
N ASP A 271 12.55 -13.63 3.39
CA ASP A 271 13.01 -14.68 2.51
C ASP A 271 13.23 -14.14 1.09
N MET A 272 14.04 -14.87 0.33
CA MET A 272 14.41 -14.59 -1.07
C MET A 272 15.34 -13.39 -1.25
N GLU A 273 15.58 -13.01 -2.49
CA GLU A 273 16.44 -11.88 -2.79
C GLU A 273 15.72 -10.57 -2.51
N CYS A 274 16.38 -9.63 -1.86
CA CYS A 274 15.77 -8.34 -1.55
C CYS A 274 15.67 -7.43 -2.77
N SER A 275 14.53 -6.77 -2.91
CA SER A 275 14.32 -5.82 -4.01
C SER A 275 13.92 -4.43 -3.53
N HIS A 276 13.27 -4.37 -2.37
CA HIS A 276 12.77 -3.14 -1.78
C HIS A 276 13.74 -2.51 -0.78
N TYR A 277 13.92 -1.19 -0.89
CA TYR A 277 14.80 -0.45 -0.02
C TYR A 277 14.19 0.90 0.25
N MET A 278 14.54 1.49 1.41
CA MET A 278 14.01 2.80 1.78
C MET A 278 14.88 3.44 2.83
N LYS A 279 15.20 4.72 2.62
CA LYS A 279 16.01 5.50 3.56
C LYS A 279 15.32 5.54 4.90
N ASN A 280 16.13 5.49 5.97
CA ASN A 280 15.61 5.58 7.33
C ASN A 280 15.20 7.03 7.54
N PHE A 281 13.91 7.25 7.83
CA PHE A 281 13.35 8.58 8.03
C PHE A 281 14.02 9.38 9.15
N ASP A 282 14.46 8.70 10.23
CA ASP A 282 15.08 9.32 11.42
C ASP A 282 16.54 9.68 11.25
N VAL A 283 17.18 9.16 10.20
CA VAL A 283 18.59 9.42 9.96
C VAL A 283 18.76 10.73 9.18
N GLY A 284 19.48 11.66 9.79
CA GLY A 284 19.77 12.97 9.20
C GLY A 284 20.93 12.93 8.24
N HIS A 285 21.61 14.08 8.05
CA HIS A 285 22.74 14.18 7.12
C HIS A 285 23.96 13.38 7.56
N VAL A 286 24.46 12.53 6.66
CA VAL A 286 25.64 11.69 6.88
C VAL A 286 26.67 11.97 5.77
N PRO A 287 27.80 12.66 6.07
CA PRO A 287 28.82 12.89 5.03
C PRO A 287 29.42 11.56 4.57
N ILE A 288 29.53 11.35 3.26
CA ILE A 288 30.12 10.13 2.70
C ILE A 288 31.22 10.49 1.72
N ARG A 289 32.40 9.90 1.91
CA ARG A 289 33.56 10.10 1.05
C ARG A 289 33.66 8.99 0.00
N LEU A 290 33.34 7.72 0.38
CA LEU A 290 33.39 6.54 -0.51
C LEU A 290 32.67 6.91 -1.80
N PRO A 291 33.38 7.01 -2.95
CA PRO A 291 32.72 7.61 -4.14
C PRO A 291 31.49 6.90 -4.68
N ARG A 292 31.49 5.56 -4.75
CA ARG A 292 30.33 4.85 -5.29
C ARG A 292 29.15 4.93 -4.31
N THR A 293 29.43 4.81 -3.01
CA THR A 293 28.44 4.90 -1.92
C THR A 293 27.86 6.34 -1.89
N LYS A 294 28.73 7.35 -1.99
CA LYS A 294 28.35 8.78 -2.03
C LYS A 294 27.41 9.06 -3.21
N HIS A 295 27.80 8.58 -4.42
CA HIS A 295 27.01 8.72 -5.63
C HIS A 295 25.62 8.09 -5.50
N LEU A 296 25.55 6.85 -5.03
CA LEU A 296 24.28 6.18 -4.85
C LEU A 296 23.37 6.92 -3.88
N LEU A 297 23.91 7.39 -2.73
CA LEU A 297 23.07 8.13 -1.79
C LEU A 297 22.50 9.42 -2.41
N ASN A 298 23.33 10.13 -3.22
CA ASN A 298 22.89 11.36 -3.92
C ASN A 298 21.76 11.04 -4.91
N VAL A 299 21.88 9.92 -5.64
CA VAL A 299 20.86 9.40 -6.57
C VAL A 299 19.53 9.14 -5.79
N ILE A 300 19.65 8.50 -4.60
CA ILE A 300 18.50 8.18 -3.74
C ILE A 300 17.84 9.47 -3.25
N ASN A 301 18.65 10.40 -2.70
CA ASN A 301 18.17 11.67 -2.19
C ASN A 301 17.46 12.53 -3.23
N GLU A 302 17.98 12.54 -4.47
CA GLU A 302 17.39 13.32 -5.57
C GLU A 302 16.10 12.69 -6.11
N ASN A 303 16.07 11.35 -6.28
CA ASN A 303 14.95 10.68 -6.93
C ASN A 303 13.87 10.14 -6.04
N PHE A 304 14.22 9.74 -4.80
CA PHE A 304 13.28 9.09 -3.89
C PHE A 304 13.09 9.78 -2.56
N GLY A 305 14.13 10.45 -2.07
CA GLY A 305 14.14 11.05 -0.74
C GLY A 305 13.86 9.93 0.27
N THR A 306 12.77 10.07 1.06
CA THR A 306 12.35 9.06 2.06
C THR A 306 11.32 8.03 1.53
N LEU A 307 10.98 8.11 0.22
CA LEU A 307 10.07 7.13 -0.39
C LEU A 307 10.87 5.88 -0.72
N ALA A 308 10.18 4.74 -0.71
CA ALA A 308 10.82 3.47 -1.03
C ALA A 308 11.14 3.37 -2.52
N PHE A 309 12.11 2.52 -2.84
CA PHE A 309 12.56 2.28 -4.21
C PHE A 309 12.98 0.81 -4.34
N CYS A 310 13.27 0.38 -5.56
CA CYS A 310 13.74 -0.97 -5.86
C CYS A 310 14.94 -0.90 -6.79
N ARG A 311 15.65 -2.02 -6.91
CA ARG A 311 16.81 -2.17 -7.77
C ARG A 311 16.47 -1.88 -9.22
N ARG A 312 15.28 -2.37 -9.71
CA ARG A 312 14.82 -2.06 -11.09
C ARG A 312 14.80 -0.55 -11.37
N TRP A 313 14.39 0.27 -10.38
CA TRP A 313 14.33 1.73 -10.54
C TRP A 313 15.70 2.36 -10.61
N LEU A 314 16.68 1.75 -9.93
CA LEU A 314 18.08 2.20 -10.04
C LEU A 314 18.60 1.85 -11.43
N ASP A 315 18.27 0.64 -11.96
CA ASP A 315 18.68 0.27 -13.32
C ASP A 315 18.09 1.25 -14.37
N ARG A 316 16.82 1.64 -14.19
CA ARG A 316 16.09 2.58 -15.07
C ARG A 316 16.74 3.96 -15.04
N LEU A 317 17.30 4.37 -13.87
CA LEU A 317 18.01 5.64 -13.73
C LEU A 317 19.40 5.64 -14.42
N GLY A 318 19.81 4.49 -14.96
CA GLY A 318 21.09 4.32 -15.65
C GLY A 318 22.22 3.89 -14.72
N GLU A 319 21.88 3.51 -13.48
CA GLU A 319 22.88 3.09 -12.50
C GLU A 319 23.30 1.64 -12.72
N SER A 320 24.58 1.33 -12.48
CA SER A 320 25.10 -0.04 -12.56
C SER A 320 26.25 -0.24 -11.53
N LYS A 321 26.53 -1.50 -11.18
CA LYS A 321 27.57 -1.88 -10.20
C LYS A 321 27.37 -1.08 -8.89
N TYR A 322 26.09 -1.01 -8.42
CA TYR A 322 25.73 -0.25 -7.22
C TYR A 322 25.45 -1.16 -6.01
N LEU A 323 25.45 -2.50 -6.21
CA LEU A 323 25.09 -3.44 -5.12
C LEU A 323 25.98 -3.31 -3.88
N MET A 324 27.31 -3.15 -4.06
CA MET A 324 28.16 -2.96 -2.86
C MET A 324 27.85 -1.60 -2.19
N ALA A 325 27.65 -0.53 -3.00
CA ALA A 325 27.30 0.81 -2.51
C ALA A 325 25.96 0.74 -1.71
N LEU A 326 24.99 -0.02 -2.23
CA LEU A 326 23.67 -0.19 -1.60
C LEU A 326 23.82 -0.95 -0.27
N LYS A 327 24.66 -2.01 -0.25
CA LYS A 327 24.93 -2.79 0.96
C LYS A 327 25.61 -1.87 2.01
N ASN A 328 26.54 -0.99 1.56
CA ASN A 328 27.21 -0.02 2.43
C ASN A 328 26.18 0.89 3.10
N LEU A 329 25.22 1.42 2.33
CA LEU A 329 24.15 2.27 2.86
C LEU A 329 23.29 1.57 3.88
N CYS A 330 23.03 0.26 3.65
CA CYS A 330 22.27 -0.57 4.59
C CYS A 330 23.06 -0.78 5.89
N ASP A 331 24.35 -1.16 5.77
CA ASP A 331 25.25 -1.39 6.93
C ASP A 331 25.45 -0.12 7.74
N LEU A 332 25.44 1.06 7.07
CA LEU A 332 25.57 2.36 7.74
C LEU A 332 24.27 2.81 8.47
N GLY A 333 23.15 2.13 8.21
CA GLY A 333 21.84 2.44 8.79
C GLY A 333 21.12 3.59 8.11
N ILE A 334 21.69 4.10 6.99
CA ILE A 334 21.08 5.20 6.20
C ILE A 334 19.89 4.67 5.41
N VAL A 335 20.04 3.47 4.81
CA VAL A 335 18.99 2.80 4.03
C VAL A 335 18.65 1.50 4.74
N ASP A 336 17.38 1.11 4.74
CA ASP A 336 16.92 -0.15 5.29
C ASP A 336 16.41 -1.08 4.17
N PRO A 337 16.83 -2.36 4.17
CA PRO A 337 16.31 -3.32 3.18
C PRO A 337 14.91 -3.82 3.63
N TYR A 338 14.01 -4.10 2.68
CA TYR A 338 12.67 -4.62 3.01
C TYR A 338 12.51 -5.87 2.18
N PRO A 339 13.12 -7.00 2.61
CA PRO A 339 13.06 -8.21 1.79
C PRO A 339 11.66 -8.83 1.70
N PRO A 340 11.42 -9.75 0.72
CA PRO A 340 10.11 -10.43 0.66
C PRO A 340 9.75 -11.11 1.97
N LEU A 341 8.47 -11.00 2.36
CA LEU A 341 7.93 -11.60 3.59
C LEU A 341 7.07 -12.79 3.25
N CYS A 342 7.51 -13.99 3.70
CA CYS A 342 6.84 -15.23 3.35
C CYS A 342 6.31 -16.02 4.53
N ASP A 343 5.17 -16.69 4.32
CA ASP A 343 4.67 -17.68 5.26
C ASP A 343 5.34 -19.00 4.79
N ILE A 344 5.00 -20.14 5.42
CA ILE A 344 5.54 -21.48 5.15
C ILE A 344 5.32 -21.89 3.70
N LYS A 345 6.25 -22.69 3.14
CA LYS A 345 6.13 -23.21 1.77
C LYS A 345 4.81 -23.98 1.63
N GLY A 346 4.13 -23.82 0.51
CA GLY A 346 2.86 -24.50 0.26
C GLY A 346 1.63 -23.73 0.71
N SER A 347 1.81 -22.65 1.51
CA SER A 347 0.68 -21.86 1.99
C SER A 347 0.24 -20.79 0.95
N TYR A 348 -0.97 -20.26 1.13
CA TYR A 348 -1.55 -19.25 0.25
C TYR A 348 -1.88 -18.04 1.06
N THR A 349 -1.49 -16.88 0.55
CA THR A 349 -1.72 -15.61 1.23
C THR A 349 -2.50 -14.66 0.31
N ALA A 350 -3.39 -13.85 0.89
CA ALA A 350 -4.17 -12.86 0.16
C ALA A 350 -4.11 -11.52 0.93
N GLN A 351 -4.29 -10.41 0.21
CA GLN A 351 -4.27 -9.07 0.80
C GLN A 351 -5.24 -8.14 0.11
N PHE A 352 -5.85 -7.26 0.90
CA PHE A 352 -6.67 -6.14 0.42
C PHE A 352 -6.30 -4.93 1.29
N GLU A 353 -6.13 -3.76 0.64
CA GLU A 353 -5.69 -2.56 1.32
C GLU A 353 -6.31 -1.32 0.71
N HIS A 354 -6.73 -0.39 1.58
CA HIS A 354 -7.21 0.95 1.21
C HIS A 354 -6.52 2.01 2.07
N THR A 355 -6.49 3.25 1.56
CA THR A 355 -5.98 4.41 2.27
C THR A 355 -7.21 5.20 2.74
N ILE A 356 -7.22 5.57 4.02
CA ILE A 356 -8.31 6.34 4.62
C ILE A 356 -7.80 7.66 5.23
N LEU A 357 -8.60 8.72 5.08
CA LEU A 357 -8.33 10.05 5.64
C LEU A 357 -9.26 10.25 6.84
N LEU A 358 -8.68 10.54 8.02
CA LEU A 358 -9.50 10.82 9.20
C LEU A 358 -9.75 12.33 9.28
N ARG A 359 -10.56 12.81 8.33
CA ARG A 359 -10.92 14.22 8.19
C ARG A 359 -11.74 14.72 9.39
N PRO A 360 -11.56 15.98 9.82
CA PRO A 360 -12.34 16.48 10.98
C PRO A 360 -13.87 16.29 10.88
N THR A 361 -14.43 16.22 9.65
CA THR A 361 -15.88 16.12 9.40
C THR A 361 -16.41 14.71 9.17
N CYS A 362 -15.61 13.87 8.48
CA CYS A 362 -16.00 12.52 8.10
C CYS A 362 -14.77 11.64 7.89
N LYS A 363 -14.99 10.33 7.71
CA LYS A 363 -13.94 9.38 7.39
C LYS A 363 -14.05 9.13 5.87
N GLU A 364 -12.99 9.41 5.13
CA GLU A 364 -12.96 9.24 3.67
C GLU A 364 -12.04 8.10 3.25
N VAL A 365 -12.63 7.06 2.61
CA VAL A 365 -11.88 5.91 2.04
C VAL A 365 -11.47 6.46 0.69
N VAL A 366 -10.45 7.34 0.70
CA VAL A 366 -10.01 8.09 -0.45
C VAL A 366 -9.64 7.21 -1.66
N SER A 367 -9.10 6.00 -1.42
CA SER A 367 -8.73 5.08 -2.50
C SER A 367 -9.90 4.19 -3.01
N ARG A 368 -11.10 4.22 -2.37
CA ARG A 368 -12.23 3.33 -2.75
C ARG A 368 -12.62 3.37 -4.25
N GLY A 369 -12.70 2.18 -4.88
CA GLY A 369 -13.05 1.99 -6.29
C GLY A 369 -14.45 2.43 -6.67
C1 EDO B . -9.73 -12.07 -8.01
O1 EDO B . -10.14 -13.30 -8.56
C2 EDO B . -9.43 -11.12 -9.17
O2 EDO B . -8.44 -11.67 -10.01
C1 EDO C . -8.62 -2.53 -2.56
O1 EDO C . -8.49 -3.94 -2.49
C2 EDO C . -8.20 -2.07 -3.96
O2 EDO C . -8.87 -2.87 -4.91
C1 GOL D . -11.80 -1.21 -5.57
O1 GOL D . -11.49 -2.35 -6.34
C2 GOL D . -13.02 -1.42 -4.70
O2 GOL D . -14.06 -2.05 -5.47
C3 GOL D . -12.70 -2.27 -3.49
O3 GOL D . -13.23 -1.67 -2.31
S DMS E . -9.09 -3.88 -8.77
O DMS E . -9.17 -3.04 -7.57
C1 DMS E . -10.38 -5.07 -8.56
C2 DMS E . -9.83 -2.86 -10.03
C1 HZE F . 9.22 -0.35 1.58
C2 HZE F . 8.34 -0.41 0.53
C3 HZE F . 6.99 -0.52 0.72
C8 HZE F . 5.32 -0.67 3.92
C9 HZE F . 6.63 -0.55 4.35
C10 HZE F . 4.04 -0.81 4.65
C13 HZE F . 7.16 -0.49 5.74
C16 HZE F . 7.72 0.70 6.21
C19 HZE F . 7.71 -1.51 7.87
C20 HZE F . 7.19 -1.59 6.60
C22 HZE F . 9.48 0.97 10.03
C30 HZE F . 8.04 -4.52 6.78
C4 HZE F . 8.77 -0.38 2.88
C5 HZE F . 7.43 -0.49 3.13
C6 HZE F . 6.53 -0.56 2.04
N7 HZE F . 5.26 -0.67 2.54
N11 HZE F . 4.11 -0.80 5.95
O12 HZE F . 3.01 -0.92 4.04
F14 HZE F . 10.53 -0.24 1.34
F15 HZE F . 8.82 -0.42 -0.73
C17 HZE F . 8.26 0.78 7.48
C18 HZE F . 8.25 -0.31 8.34
N21 HZE F . 8.68 -0.19 9.64
C23 HZE F . 9.43 1.16 11.52
N24 HZE F . 9.92 -0.02 12.17
C25 HZE F . 9.09 -1.13 11.85
C26 HZE F . 9.10 -1.39 10.36
O27 HZE F . 6.68 -2.75 6.08
C28 HZE F . 6.69 -3.95 6.85
C29 HZE F . 5.65 -4.83 6.24
MN MN G . 0.67 -0.57 3.69
MN MN H . 0.58 -1.58 0.41
#